data_7EQS
#
_entry.id   7EQS
#
_cell.length_a   63.543
_cell.length_b   100.980
_cell.length_c   103.366
_cell.angle_alpha   90.000
_cell.angle_beta   90.000
_cell.angle_gamma   90.000
#
_symmetry.space_group_name_H-M   'P 21 21 21'
#
loop_
_entity.id
_entity.type
_entity.pdbx_description
1 polymer 'Capsid protein'
2 water water
#
_entity_poly.entity_id   1
_entity_poly.type   'polypeptide(L)'
_entity_poly.pdbx_seq_one_letter_code
;GPLGSPEFQKTKPFSVPNLPLNTLSNSRVPSLINAMMISRDHGQMVQFQNGRVTLDGQLQGTTPTSLSQLCKIRGKVFHA
SGGNGLNLTELDGSAYHAFESPAPIGFPDIGDCDWHMSATATNNFTGSSNEYQILIKQESAFAPHLGHVQADNLSAGANT
DLIVSLSWISPVSDQHRHDVDPWVIPRYGSSLTEAAQLAPPIYPPGFGEAIVFFMSDFPVVSGVNGMRIPCTLPQEYVAH
FVNEQAPTRGEAALLHYVDPDTHRNLGEFKMYPEGFMTCVPNSSGSGPQTLPINGVFTFVSWVSRFYQLKPVGTAGPARR
LGIRRS
;
_entity_poly.pdbx_strand_id   A,B
#
# COMPACT_ATOMS: atom_id res chain seq x y z
N LYS A 12 -10.84 -24.72 8.56
CA LYS A 12 -9.80 -23.65 8.64
C LYS A 12 -10.25 -22.53 9.57
N PRO A 13 -9.57 -22.36 10.74
CA PRO A 13 -10.08 -21.42 11.74
C PRO A 13 -9.97 -19.95 11.32
N PHE A 14 -10.96 -19.15 11.71
CA PHE A 14 -10.94 -17.71 11.43
C PHE A 14 -9.92 -17.04 12.33
N SER A 15 -9.25 -16.03 11.80
CA SER A 15 -8.32 -15.23 12.58
C SER A 15 -8.21 -13.84 11.97
N VAL A 16 -7.81 -12.87 12.80
CA VAL A 16 -7.41 -11.55 12.30
C VAL A 16 -5.91 -11.41 12.50
N PRO A 17 -5.25 -10.55 11.69
CA PRO A 17 -3.80 -10.42 11.79
C PRO A 17 -3.33 -10.02 13.20
N ASN A 18 -2.23 -10.62 13.62
CA ASN A 18 -1.56 -10.35 14.89
C ASN A 18 -0.54 -9.25 14.59
N LEU A 19 -1.05 -8.07 14.25
CA LEU A 19 -0.25 -6.93 13.82
C LEU A 19 -0.76 -5.70 14.54
N PRO A 20 0.13 -4.90 15.16
CA PRO A 20 -0.37 -3.70 15.84
C PRO A 20 -1.05 -2.72 14.90
N LEU A 21 -2.19 -2.19 15.33
CA LEU A 21 -3.03 -1.29 14.52
C LEU A 21 -2.29 -0.15 13.83
N ASN A 22 -1.40 0.50 14.57
CA ASN A 22 -0.67 1.67 14.05
C ASN A 22 0.49 1.33 13.09
N THR A 23 0.71 0.04 12.82
CA THR A 23 1.57 -0.40 11.72
C THR A 23 0.82 -0.71 10.42
N LEU A 24 -0.51 -0.58 10.44
CA LEU A 24 -1.38 -0.95 9.31
C LEU A 24 -1.96 0.28 8.63
N SER A 25 -2.49 0.08 7.43
CA SER A 25 -2.99 1.18 6.60
C SER A 25 -4.51 1.32 6.66
N ASN A 26 -4.96 2.54 6.45
CA ASN A 26 -6.33 2.80 6.03
C ASN A 26 -6.59 1.99 4.74
N SER A 27 -7.84 1.56 4.55
CA SER A 27 -8.23 0.87 3.33
C SER A 27 -8.93 1.78 2.29
N ARG A 28 -9.04 3.08 2.60
CA ARG A 28 -9.60 4.06 1.64
C ARG A 28 -8.58 5.11 1.16
N VAL A 29 -7.50 5.30 1.91
CA VAL A 29 -6.32 6.03 1.43
C VAL A 29 -5.06 5.34 1.94
N PRO A 30 -3.93 5.48 1.22
CA PRO A 30 -2.70 4.84 1.67
C PRO A 30 -2.01 5.65 2.77
N SER A 31 -2.50 5.48 4.00
CA SER A 31 -1.96 6.18 5.17
C SER A 31 -2.12 5.33 6.43
N LEU A 32 -1.11 5.38 7.30
CA LEU A 32 -1.12 4.60 8.54
C LEU A 32 -2.34 4.94 9.39
N ILE A 33 -2.91 3.92 10.03
CA ILE A 33 -3.97 4.13 11.01
C ILE A 33 -3.37 4.81 12.24
N ASN A 34 -3.98 5.91 12.68
CA ASN A 34 -3.54 6.60 13.92
C ASN A 34 -4.66 6.82 14.96
N ALA A 35 -5.86 6.31 14.70
CA ALA A 35 -6.96 6.46 15.64
C ALA A 35 -8.11 5.52 15.30
N MET A 36 -8.98 5.31 16.28
CA MET A 36 -10.27 4.66 16.09
C MET A 36 -11.32 5.63 16.57
N MET A 37 -12.48 5.61 15.93
CA MET A 37 -13.58 6.46 16.36
C MET A 37 -14.92 5.83 16.03
N ILE A 38 -15.92 6.25 16.80
CA ILE A 38 -17.32 6.05 16.43
C ILE A 38 -17.90 7.42 16.09
N SER A 39 -18.98 7.41 15.31
CA SER A 39 -19.63 8.64 14.88
C SER A 39 -21.11 8.39 14.78
N ARG A 40 -21.87 9.00 15.69
CA ARG A 40 -23.32 8.91 15.64
C ARG A 40 -23.87 9.71 14.45
N ASP A 41 -23.19 10.80 14.09
CA ASP A 41 -23.59 11.62 12.93
C ASP A 41 -23.48 10.84 11.61
N HIS A 42 -22.30 10.27 11.36
CA HIS A 42 -22.00 9.63 10.08
C HIS A 42 -22.08 8.09 10.08
N GLY A 43 -22.01 7.46 11.26
CA GLY A 43 -21.85 6.01 11.36
C GLY A 43 -23.12 5.19 11.52
N GLN A 44 -24.23 5.68 10.98
CA GLN A 44 -25.51 4.98 11.05
C GLN A 44 -25.80 4.20 9.78
N MET A 45 -25.38 4.75 8.64
CA MET A 45 -25.28 4.00 7.40
C MET A 45 -23.95 4.37 6.74
N VAL A 46 -23.26 3.35 6.22
CA VAL A 46 -21.99 3.54 5.53
C VAL A 46 -21.98 2.60 4.32
N GLN A 47 -21.55 3.13 3.17
CA GLN A 47 -21.47 2.34 1.94
C GLN A 47 -20.14 2.56 1.20
N PHE A 48 -19.04 2.51 1.95
CA PHE A 48 -17.70 2.62 1.37
C PHE A 48 -17.51 1.50 0.35
N GLN A 49 -16.76 1.77 -0.71
CA GLN A 49 -16.51 0.78 -1.77
C GLN A 49 -15.12 0.16 -1.72
N ASN A 50 -14.18 0.83 -1.03
CA ASN A 50 -12.87 0.27 -0.73
C ASN A 50 -12.79 -0.17 0.74
N GLY A 51 -11.91 -1.13 1.00
CA GLY A 51 -11.86 -1.81 2.29
C GLY A 51 -13.04 -2.72 2.57
N ARG A 52 -13.70 -3.20 1.51
CA ARG A 52 -14.88 -4.04 1.63
C ARG A 52 -14.56 -5.45 1.25
N VAL A 53 -14.78 -6.37 2.19
CA VAL A 53 -14.52 -7.78 2.01
C VAL A 53 -15.27 -8.55 3.10
N THR A 54 -15.80 -9.73 2.78
CA THR A 54 -16.44 -10.57 3.78
C THR A 54 -15.39 -11.25 4.69
N LEU A 55 -15.83 -11.76 5.83
CA LEU A 55 -14.92 -12.47 6.72
C LEU A 55 -14.40 -13.77 6.13
N ASP A 56 -15.16 -14.38 5.23
CA ASP A 56 -14.66 -15.52 4.46
C ASP A 56 -13.96 -15.15 3.14
N GLY A 57 -13.63 -13.86 2.98
CA GLY A 57 -12.64 -13.42 2.00
C GLY A 57 -13.11 -13.12 0.60
N GLN A 58 -14.38 -12.72 0.46
CA GLN A 58 -14.94 -12.29 -0.83
C GLN A 58 -14.81 -10.77 -0.91
N LEU A 59 -13.96 -10.31 -1.82
CA LEU A 59 -13.79 -8.89 -2.09
C LEU A 59 -15.08 -8.28 -2.62
N GLN A 60 -15.37 -7.04 -2.21
CA GLN A 60 -16.56 -6.32 -2.67
C GLN A 60 -16.22 -4.91 -3.14
N GLY A 61 -17.14 -4.32 -3.89
CA GLY A 61 -16.98 -2.95 -4.36
C GLY A 61 -15.82 -2.84 -5.34
N THR A 62 -14.94 -1.88 -5.08
CA THR A 62 -13.73 -1.67 -5.87
C THR A 62 -12.48 -2.08 -5.09
N THR A 63 -12.66 -2.89 -4.03
CA THR A 63 -11.61 -3.16 -3.05
C THR A 63 -10.48 -4.03 -3.63
N PRO A 64 -9.23 -3.55 -3.52
CA PRO A 64 -8.07 -4.34 -3.91
C PRO A 64 -7.52 -5.16 -2.74
N THR A 65 -6.80 -6.22 -3.07
CA THR A 65 -5.99 -6.97 -2.11
C THR A 65 -4.83 -6.12 -1.61
N SER A 66 -4.19 -5.41 -2.53
CA SER A 66 -2.99 -4.64 -2.26
C SER A 66 -3.25 -3.14 -2.25
N LEU A 67 -2.57 -2.48 -1.32
CA LEU A 67 -2.56 -1.02 -1.23
C LEU A 67 -1.93 -0.35 -2.46
N SER A 68 -1.07 -1.06 -3.20
CA SER A 68 -0.52 -0.54 -4.45
C SER A 68 -1.57 -0.17 -5.50
N GLN A 69 -2.76 -0.76 -5.39
CA GLN A 69 -3.92 -0.43 -6.24
C GLN A 69 -4.82 0.67 -5.68
N LEU A 70 -4.73 0.96 -4.39
CA LEU A 70 -5.69 1.85 -3.73
C LEU A 70 -5.48 3.32 -4.10
N CYS A 71 -6.58 4.02 -4.34
CA CYS A 71 -6.56 5.43 -4.77
C CYS A 71 -5.70 5.65 -6.02
N LYS A 72 -5.80 4.71 -6.96
CA LYS A 72 -5.10 4.77 -8.23
C LYS A 72 -6.14 4.77 -9.34
N ILE A 73 -5.82 5.47 -10.43
CA ILE A 73 -6.62 5.47 -11.66
C ILE A 73 -5.62 5.24 -12.78
N ARG A 74 -5.98 4.40 -13.74
CA ARG A 74 -5.20 4.25 -14.96
C ARG A 74 -6.08 4.47 -16.18
N GLY A 75 -5.54 5.13 -17.19
CA GLY A 75 -6.26 5.33 -18.43
C GLY A 75 -5.46 5.98 -19.55
N LYS A 76 -6.08 6.00 -20.73
CA LYS A 76 -5.54 6.67 -21.90
C LYS A 76 -6.18 8.06 -21.99
N VAL A 77 -5.36 9.07 -22.27
CA VAL A 77 -5.84 10.43 -22.37
C VAL A 77 -6.69 10.61 -23.63
N PHE A 78 -7.86 11.24 -23.47
CA PHE A 78 -8.62 11.74 -24.61
C PHE A 78 -8.66 13.29 -24.58
N HIS A 79 -8.70 13.89 -25.77
CA HIS A 79 -8.80 15.35 -25.93
C HIS A 79 -10.16 15.63 -26.55
N ALA A 80 -10.97 16.43 -25.87
CA ALA A 80 -12.30 16.85 -26.36
C ALA A 80 -12.52 18.33 -26.09
N SER A 81 -13.55 18.89 -26.74
CA SER A 81 -13.89 20.32 -26.65
C SER A 81 -14.25 20.77 -25.23
N GLY A 82 -15.08 19.97 -24.55
CA GLY A 82 -15.46 20.22 -23.16
C GLY A 82 -14.35 19.98 -22.14
N GLY A 83 -13.21 19.45 -22.59
CA GLY A 83 -12.04 19.24 -21.74
C GLY A 83 -11.43 17.87 -21.98
N ASN A 84 -10.23 17.69 -21.46
CA ASN A 84 -9.51 16.42 -21.59
C ASN A 84 -9.98 15.47 -20.49
N GLY A 85 -9.59 14.21 -20.62
CA GLY A 85 -9.96 13.19 -19.66
C GLY A 85 -9.27 11.87 -19.93
N LEU A 86 -9.73 10.83 -19.24
CA LEU A 86 -9.11 9.51 -19.30
C LEU A 86 -10.15 8.45 -19.63
N ASN A 87 -9.82 7.58 -20.59
CA ASN A 87 -10.59 6.38 -20.86
C ASN A 87 -9.96 5.28 -20.01
N LEU A 88 -10.71 4.81 -19.01
CA LEU A 88 -10.15 4.01 -17.93
C LEU A 88 -9.82 2.57 -18.33
N THR A 89 -8.72 2.07 -17.78
CA THR A 89 -8.42 0.64 -17.70
C THR A 89 -8.21 0.26 -16.23
N GLU A 90 -8.02 -1.03 -15.98
CA GLU A 90 -7.53 -1.52 -14.70
C GLU A 90 -6.07 -1.08 -14.54
N LEU A 91 -5.56 -1.12 -13.32
CA LEU A 91 -4.21 -0.63 -13.06
C LEU A 91 -3.11 -1.43 -13.77
N ASP A 92 -3.32 -2.72 -14.01
CA ASP A 92 -2.36 -3.52 -14.77
C ASP A 92 -2.44 -3.29 -16.29
N GLY A 93 -3.37 -2.45 -16.75
CA GLY A 93 -3.51 -2.12 -18.17
C GLY A 93 -4.60 -2.89 -18.89
N SER A 94 -5.12 -3.95 -18.26
CA SER A 94 -6.20 -4.75 -18.84
C SER A 94 -7.54 -3.98 -18.85
N ALA A 95 -8.47 -4.42 -19.68
CA ALA A 95 -9.70 -3.66 -19.95
C ALA A 95 -10.62 -3.59 -18.74
N TYR A 96 -11.24 -2.42 -18.53
CA TYR A 96 -12.27 -2.27 -17.53
C TYR A 96 -13.63 -2.67 -18.10
N HIS A 97 -14.36 -3.51 -17.37
CA HIS A 97 -15.73 -3.92 -17.73
C HIS A 97 -16.75 -3.34 -16.73
N ALA A 98 -17.86 -2.81 -17.23
CA ALA A 98 -18.92 -2.23 -16.38
C ALA A 98 -19.90 -3.24 -15.74
N PHE A 99 -19.59 -4.54 -15.75
CA PHE A 99 -20.40 -5.54 -15.06
C PHE A 99 -19.78 -6.02 -13.73
N GLU A 100 -18.44 -6.03 -13.65
CA GLU A 100 -17.75 -6.58 -12.49
C GLU A 100 -17.70 -5.66 -11.26
N SER A 101 -17.88 -4.35 -11.47
CA SER A 101 -17.65 -3.38 -10.39
C SER A 101 -18.20 -1.98 -10.70
N PRO A 102 -18.35 -1.13 -9.66
CA PRO A 102 -18.71 0.29 -9.86
C PRO A 102 -17.69 1.13 -10.62
N ALA A 103 -16.41 0.74 -10.54
CA ALA A 103 -15.32 1.40 -11.25
C ALA A 103 -14.16 0.40 -11.31
N PRO A 104 -13.04 0.75 -11.99
CA PRO A 104 -11.84 -0.09 -11.89
C PRO A 104 -11.40 -0.37 -10.44
N ILE A 105 -10.77 -1.51 -10.20
CA ILE A 105 -10.32 -1.87 -8.85
C ILE A 105 -9.37 -0.81 -8.31
N GLY A 106 -9.58 -0.41 -7.06
CA GLY A 106 -8.76 0.60 -6.40
C GLY A 106 -9.15 2.05 -6.67
N PHE A 107 -10.14 2.27 -7.53
CA PHE A 107 -10.61 3.63 -7.87
C PHE A 107 -11.03 4.34 -6.57
N PRO A 108 -10.67 5.63 -6.40
CA PRO A 108 -10.99 6.25 -5.11
C PRO A 108 -12.49 6.32 -4.83
N ASP A 109 -12.88 6.19 -3.57
CA ASP A 109 -14.30 6.16 -3.19
C ASP A 109 -14.72 7.30 -2.24
N ILE A 110 -14.03 8.44 -2.34
CA ILE A 110 -14.34 9.63 -1.55
C ILE A 110 -15.16 10.58 -2.42
N GLY A 111 -16.48 10.61 -2.19
CA GLY A 111 -17.42 11.34 -3.02
C GLY A 111 -17.49 12.84 -2.75
N ASP A 112 -18.13 13.55 -3.69
CA ASP A 112 -18.56 14.93 -3.49
C ASP A 112 -17.42 15.89 -3.09
N CYS A 113 -16.30 15.76 -3.80
CA CYS A 113 -15.14 16.62 -3.60
C CYS A 113 -14.23 16.62 -4.83
N ASP A 114 -13.35 17.62 -4.90
CA ASP A 114 -12.30 17.68 -5.94
C ASP A 114 -11.21 16.70 -5.54
N TRP A 115 -10.66 15.98 -6.52
CA TRP A 115 -9.50 15.13 -6.34
C TRP A 115 -8.31 15.75 -7.06
N HIS A 116 -7.32 16.20 -6.28
CA HIS A 116 -6.04 16.60 -6.85
C HIS A 116 -5.14 15.39 -6.88
N MET A 117 -4.60 15.11 -8.07
CA MET A 117 -3.91 13.87 -8.35
C MET A 117 -2.61 14.10 -9.10
N SER A 118 -1.73 13.11 -9.03
CA SER A 118 -0.47 13.10 -9.74
C SER A 118 -0.48 11.93 -10.72
N ALA A 119 -0.29 12.22 -11.99
CA ALA A 119 -0.24 11.21 -13.05
C ALA A 119 1.17 11.13 -13.62
N THR A 120 1.60 9.91 -13.97
CA THR A 120 2.89 9.69 -14.62
C THR A 120 2.69 8.87 -15.89
N ALA A 121 3.49 9.18 -16.92
CA ALA A 121 3.44 8.45 -18.18
C ALA A 121 4.02 7.05 -17.96
N THR A 122 3.27 6.04 -18.36
CA THR A 122 3.72 4.64 -18.19
C THR A 122 4.63 4.14 -19.32
N ASN A 123 4.84 4.95 -20.36
CA ASN A 123 5.66 4.56 -21.50
C ASN A 123 6.66 5.67 -21.81
N ASN A 124 7.95 5.32 -21.83
CA ASN A 124 9.03 6.26 -22.14
C ASN A 124 8.97 7.50 -21.25
N PHE A 125 8.90 7.25 -19.94
CA PHE A 125 8.89 8.33 -18.95
C PHE A 125 10.20 9.12 -19.02
N THR A 126 10.11 10.40 -19.39
CA THR A 126 11.29 11.25 -19.63
C THR A 126 11.70 12.13 -18.44
N GLY A 127 10.76 12.46 -17.56
CA GLY A 127 11.05 13.28 -16.39
C GLY A 127 9.87 14.15 -16.00
N SER A 128 10.16 15.37 -15.55
CA SER A 128 9.17 16.31 -15.02
C SER A 128 7.99 16.60 -15.94
N SER A 129 8.24 16.58 -17.25
CA SER A 129 7.19 16.79 -18.26
C SER A 129 6.27 15.58 -18.50
N ASN A 130 6.65 14.41 -17.96
CA ASN A 130 5.78 13.23 -17.96
C ASN A 130 5.14 12.94 -16.58
N GLU A 131 5.25 13.89 -15.66
CA GLU A 131 4.42 13.90 -14.45
C GLU A 131 3.44 15.06 -14.58
N TYR A 132 2.15 14.80 -14.30
CA TYR A 132 1.08 15.78 -14.51
C TYR A 132 0.26 15.95 -13.23
N GLN A 133 0.21 17.19 -12.72
CA GLN A 133 -0.64 17.52 -11.58
C GLN A 133 -2.02 17.91 -12.09
N ILE A 134 -2.98 17.02 -11.89
CA ILE A 134 -4.32 17.16 -12.48
C ILE A 134 -5.41 17.26 -11.42
N LEU A 135 -6.57 17.73 -11.88
CA LEU A 135 -7.74 17.93 -11.04
C LEU A 135 -8.89 17.15 -11.66
N ILE A 136 -9.41 16.17 -10.92
CA ILE A 136 -10.61 15.44 -11.32
C ILE A 136 -11.76 15.92 -10.43
N LYS A 137 -12.73 16.58 -11.06
CA LYS A 137 -13.94 17.05 -10.39
C LYS A 137 -15.01 15.96 -10.43
N GLN A 138 -15.97 16.06 -9.51
CA GLN A 138 -17.13 15.19 -9.51
C GLN A 138 -18.37 15.99 -9.93
N GLU A 139 -18.43 16.28 -11.22
CA GLU A 139 -19.55 16.99 -11.86
C GLU A 139 -20.17 16.07 -12.93
N SER A 140 -20.75 16.63 -13.99
CA SER A 140 -21.58 15.87 -14.95
C SER A 140 -20.80 14.80 -15.71
N ALA A 141 -19.59 15.15 -16.16
CA ALA A 141 -18.72 14.23 -16.91
C ALA A 141 -17.83 13.31 -16.04
N PHE A 142 -18.28 13.03 -14.81
CA PHE A 142 -17.64 12.05 -13.94
C PHE A 142 -18.44 10.76 -14.03
N ALA A 143 -17.96 9.83 -14.85
CA ALA A 143 -18.70 8.61 -15.15
C ALA A 143 -17.79 7.37 -15.14
N PRO A 144 -17.09 7.14 -14.01
CA PRO A 144 -16.15 6.00 -13.94
C PRO A 144 -16.77 4.63 -14.26
N HIS A 145 -18.05 4.44 -13.91
CA HIS A 145 -18.76 3.19 -14.22
C HIS A 145 -18.90 2.96 -15.73
N LEU A 146 -19.06 4.03 -16.49
CA LEU A 146 -19.10 3.99 -17.95
C LEU A 146 -17.71 4.00 -18.61
N GLY A 147 -16.67 4.19 -17.80
CA GLY A 147 -15.28 4.00 -18.23
C GLY A 147 -14.52 5.28 -18.58
N HIS A 148 -14.99 6.43 -18.10
CA HIS A 148 -14.32 7.69 -18.39
C HIS A 148 -14.55 8.76 -17.34
N VAL A 149 -13.52 9.57 -17.12
CA VAL A 149 -13.62 10.76 -16.27
C VAL A 149 -12.96 11.94 -16.99
N GLN A 150 -13.47 13.14 -16.70
CA GLN A 150 -12.89 14.36 -17.24
C GLN A 150 -11.84 14.85 -16.24
N ALA A 151 -10.72 15.34 -16.78
CA ALA A 151 -9.58 15.76 -15.97
C ALA A 151 -9.14 17.15 -16.40
N ASP A 152 -9.01 18.05 -15.42
CA ASP A 152 -8.56 19.42 -15.65
C ASP A 152 -7.06 19.57 -15.41
N ASN A 153 -6.45 20.51 -16.13
CA ASN A 153 -5.01 20.83 -16.03
C ASN A 153 -4.13 19.62 -16.41
N LEU A 154 -4.59 18.85 -17.39
CA LEU A 154 -3.89 17.69 -17.90
C LEU A 154 -3.32 18.04 -19.27
N SER A 155 -1.98 18.14 -19.37
CA SER A 155 -1.32 18.63 -20.59
C SER A 155 -0.80 17.53 -21.53
N ALA A 156 -1.01 16.26 -21.18
CA ALA A 156 -0.51 15.13 -21.95
C ALA A 156 -1.29 14.96 -23.25
N GLY A 157 -0.59 14.53 -24.30
CA GLY A 157 -1.22 14.29 -25.60
C GLY A 157 -2.23 13.17 -25.61
N ALA A 158 -3.07 13.15 -26.64
CA ALA A 158 -4.10 12.12 -26.80
C ALA A 158 -3.51 10.70 -26.80
N ASN A 159 -4.27 9.76 -26.26
CA ASN A 159 -3.87 8.35 -26.11
C ASN A 159 -2.64 8.05 -25.22
N THR A 160 -2.13 9.04 -24.49
CA THR A 160 -1.05 8.80 -23.53
C THR A 160 -1.60 7.93 -22.39
N ASP A 161 -0.82 6.93 -22.00
CA ASP A 161 -1.22 5.99 -20.95
C ASP A 161 -0.66 6.55 -19.63
N LEU A 162 -1.54 6.75 -18.64
CA LEU A 162 -1.17 7.37 -17.36
C LEU A 162 -1.60 6.52 -16.17
N ILE A 163 -0.71 6.40 -15.18
CA ILE A 163 -1.08 5.90 -13.84
C ILE A 163 -1.17 7.11 -12.93
N VAL A 164 -2.29 7.24 -12.23
CA VAL A 164 -2.64 8.44 -11.47
C VAL A 164 -2.83 8.09 -10.00
N SER A 165 -2.28 8.91 -9.12
CA SER A 165 -2.33 8.70 -7.66
C SER A 165 -3.03 9.87 -6.99
N LEU A 166 -3.92 9.60 -6.04
CA LEU A 166 -4.57 10.66 -5.28
C LEU A 166 -3.55 11.38 -4.40
N SER A 167 -3.45 12.70 -4.55
CA SER A 167 -2.50 13.53 -3.79
C SER A 167 -3.18 14.22 -2.61
N TRP A 168 -4.30 14.88 -2.89
CA TRP A 168 -5.09 15.55 -1.86
C TRP A 168 -6.48 15.90 -2.35
N ILE A 169 -7.39 16.15 -1.41
CA ILE A 169 -8.79 16.46 -1.72
C ILE A 169 -9.23 17.79 -1.08
N SER A 170 -10.23 18.40 -1.67
CA SER A 170 -10.66 19.75 -1.31
C SER A 170 -12.10 19.98 -1.74
N PRO A 171 -12.75 21.05 -1.23
CA PRO A 171 -14.16 21.27 -1.58
C PRO A 171 -14.40 21.41 -3.09
N VAL A 172 -15.56 20.96 -3.54
CA VAL A 172 -15.94 20.97 -4.97
C VAL A 172 -15.68 22.31 -5.67
N SER A 173 -15.16 22.24 -6.89
CA SER A 173 -14.86 23.45 -7.67
C SER A 173 -16.11 24.28 -8.02
N ASP A 174 -17.24 23.61 -8.23
CA ASP A 174 -18.48 24.32 -8.59
C ASP A 174 -19.18 25.03 -7.42
N GLN A 175 -18.61 24.94 -6.22
CA GLN A 175 -19.03 25.72 -5.06
C GLN A 175 -20.40 25.34 -4.47
N HIS A 176 -20.94 24.16 -4.81
CA HIS A 176 -22.25 23.74 -4.28
C HIS A 176 -22.18 23.33 -2.80
N ARG A 177 -20.97 23.07 -2.29
CA ARG A 177 -20.70 22.96 -0.86
C ARG A 177 -19.31 23.51 -0.57
N HIS A 178 -19.03 23.78 0.70
CA HIS A 178 -17.74 24.40 1.08
C HIS A 178 -16.87 23.54 2.00
N ASP A 179 -17.27 22.29 2.22
CA ASP A 179 -16.48 21.35 3.00
C ASP A 179 -16.39 19.99 2.28
N VAL A 180 -15.49 19.14 2.78
CA VAL A 180 -15.36 17.78 2.28
C VAL A 180 -15.85 16.79 3.34
N ASP A 181 -16.83 15.99 2.96
CA ASP A 181 -17.41 14.95 3.79
C ASP A 181 -16.88 13.60 3.25
N PRO A 182 -15.84 13.03 3.90
CA PRO A 182 -15.25 11.77 3.42
C PRO A 182 -16.08 10.52 3.75
N TRP A 183 -17.22 10.69 4.40
CA TRP A 183 -18.12 9.58 4.71
C TRP A 183 -18.95 9.16 3.49
N VAL A 184 -19.05 10.04 2.47
CA VAL A 184 -19.85 9.75 1.27
C VAL A 184 -19.01 9.18 0.12
N ILE A 185 -19.68 8.47 -0.78
CA ILE A 185 -19.04 7.82 -1.93
C ILE A 185 -19.44 8.54 -3.24
N PRO A 186 -18.68 8.32 -4.33
CA PRO A 186 -18.98 9.00 -5.58
C PRO A 186 -20.24 8.46 -6.26
N ARG A 187 -20.72 9.21 -7.23
CA ARG A 187 -21.81 8.81 -8.07
C ARG A 187 -21.12 8.24 -9.30
N TYR A 188 -20.87 6.95 -9.24
CA TYR A 188 -20.13 6.23 -10.25
C TYR A 188 -20.70 6.21 -11.64
N GLY A 189 -22.01 6.18 -11.73
CA GLY A 189 -22.65 6.16 -13.01
C GLY A 189 -23.11 7.51 -13.44
N SER A 190 -22.70 8.57 -12.73
CA SER A 190 -23.19 9.94 -13.04
C SER A 190 -24.70 9.95 -12.81
N SER A 191 -25.44 10.76 -13.56
CA SER A 191 -26.91 10.81 -13.40
C SER A 191 -27.57 9.80 -14.34
N LEU A 192 -26.76 9.17 -15.19
CA LEU A 192 -27.22 8.18 -16.19
C LEU A 192 -27.69 6.86 -15.54
N THR A 193 -27.00 6.35 -14.52
CA THR A 193 -27.44 5.06 -13.90
C THR A 193 -26.81 4.85 -12.53
N GLU A 194 -27.32 3.91 -11.75
CA GLU A 194 -26.64 3.53 -10.47
C GLU A 194 -25.67 2.41 -10.82
N ALA A 195 -24.49 2.36 -10.20
CA ALA A 195 -23.46 1.35 -10.54
C ALA A 195 -23.92 -0.07 -10.20
N ALA A 196 -23.41 -1.09 -10.89
CA ALA A 196 -23.82 -2.48 -10.71
C ALA A 196 -23.44 -3.08 -9.35
N GLN A 197 -22.17 -3.46 -9.18
CA GLN A 197 -21.76 -4.29 -8.04
C GLN A 197 -21.32 -3.46 -6.84
N LEU A 198 -22.14 -2.50 -6.41
CA LEU A 198 -21.81 -1.69 -5.24
C LEU A 198 -21.78 -2.59 -4.01
N ALA A 199 -20.71 -2.48 -3.23
CA ALA A 199 -20.67 -3.08 -1.90
C ALA A 199 -21.88 -2.56 -1.14
N PRO A 200 -22.65 -3.45 -0.49
CA PRO A 200 -23.92 -3.03 0.12
C PRO A 200 -23.76 -2.05 1.28
N PRO A 201 -24.85 -1.35 1.64
CA PRO A 201 -24.80 -0.51 2.84
C PRO A 201 -24.61 -1.33 4.12
N ILE A 202 -23.95 -0.74 5.10
CA ILE A 202 -23.69 -1.33 6.41
C ILE A 202 -24.43 -0.52 7.48
N TYR A 203 -25.01 -1.20 8.44
CA TYR A 203 -25.66 -0.55 9.58
C TYR A 203 -25.18 -1.22 10.84
N PRO A 204 -25.08 -0.47 11.93
CA PRO A 204 -24.65 -1.05 13.18
C PRO A 204 -25.74 -1.93 13.70
N PRO A 205 -25.53 -3.23 13.70
CA PRO A 205 -26.54 -4.14 14.21
C PRO A 205 -26.28 -4.27 15.70
N GLY A 206 -27.26 -4.48 16.53
CA GLY A 206 -26.91 -4.66 17.93
C GLY A 206 -27.15 -3.54 18.90
N PHE A 207 -27.32 -3.99 20.13
CA PHE A 207 -27.81 -3.14 21.22
C PHE A 207 -26.75 -2.21 21.75
N GLY A 208 -26.96 -0.91 21.53
CA GLY A 208 -25.99 0.12 21.89
C GLY A 208 -24.70 0.02 21.11
N GLU A 209 -24.72 -0.63 19.94
CA GLU A 209 -23.49 -0.84 19.15
C GLU A 209 -23.27 0.32 18.19
N ALA A 210 -21.99 0.62 17.97
CA ALA A 210 -21.57 1.65 17.04
C ALA A 210 -20.52 1.04 16.14
N ILE A 211 -20.55 1.38 14.85
CA ILE A 211 -19.53 0.91 13.91
C ILE A 211 -18.20 1.56 14.27
N VAL A 212 -17.15 0.74 14.34
CA VAL A 212 -15.79 1.23 14.60
C VAL A 212 -15.17 1.68 13.29
N PHE A 213 -14.66 2.91 13.27
CA PHE A 213 -14.00 3.47 12.09
C PHE A 213 -12.53 3.65 12.40
N PHE A 214 -11.68 3.10 11.53
CA PHE A 214 -10.24 3.28 11.65
C PHE A 214 -9.87 4.54 10.87
N MET A 215 -9.17 5.46 11.54
CA MET A 215 -8.86 6.78 11.01
C MET A 215 -7.39 6.87 10.63
N SER A 216 -7.12 7.64 9.58
CA SER A 216 -5.77 8.01 9.18
C SER A 216 -5.76 9.46 8.75
N ASP A 217 -4.64 10.13 8.97
CA ASP A 217 -4.47 11.49 8.48
C ASP A 217 -4.21 11.49 6.97
N PHE A 218 -4.79 12.47 6.29
CA PHE A 218 -4.64 12.66 4.85
C PHE A 218 -4.79 14.16 4.54
N PRO A 219 -4.12 14.67 3.48
CA PRO A 219 -4.33 16.09 3.15
C PRO A 219 -5.74 16.37 2.60
N VAL A 220 -6.60 16.83 3.51
CA VAL A 220 -7.98 17.21 3.20
C VAL A 220 -8.15 18.69 3.55
N VAL A 221 -8.58 19.49 2.57
CA VAL A 221 -8.91 20.90 2.80
C VAL A 221 -10.37 20.98 3.28
N SER A 222 -10.60 21.61 4.42
CA SER A 222 -11.95 21.83 4.98
C SER A 222 -12.77 20.56 5.17
N GLY A 223 -12.16 19.54 5.78
CA GLY A 223 -12.84 18.29 6.03
C GLY A 223 -13.80 18.43 7.20
N VAL A 224 -14.93 17.73 7.14
CA VAL A 224 -15.87 17.73 8.28
C VAL A 224 -15.25 17.14 9.57
N ASN A 225 -14.29 16.21 9.44
CA ASN A 225 -13.44 15.81 10.57
C ASN A 225 -12.00 16.22 10.33
N GLY A 226 -11.79 17.42 9.82
CA GLY A 226 -10.46 17.91 9.50
C GLY A 226 -9.72 17.00 8.52
N MET A 227 -8.45 16.75 8.80
CA MET A 227 -7.56 16.05 7.88
C MET A 227 -7.58 14.54 8.12
N ARG A 228 -8.77 13.94 8.19
CA ARG A 228 -8.95 12.55 8.61
C ARG A 228 -9.90 11.80 7.69
N ILE A 229 -9.55 10.55 7.39
CA ILE A 229 -10.31 9.68 6.52
C ILE A 229 -10.70 8.41 7.30
N PRO A 230 -12.02 8.08 7.34
CA PRO A 230 -12.48 6.86 7.99
C PRO A 230 -12.56 5.67 7.03
N CYS A 231 -12.31 4.47 7.57
CA CYS A 231 -12.61 3.22 6.87
C CYS A 231 -13.07 2.18 7.90
N THR A 232 -13.51 1.03 7.41
CA THR A 232 -14.08 -0.02 8.25
C THR A 232 -13.17 -1.24 8.51
N LEU A 233 -12.08 -1.36 7.74
CA LEU A 233 -11.04 -2.38 7.98
C LEU A 233 -9.65 -1.85 7.64
N PRO A 234 -8.63 -2.26 8.41
CA PRO A 234 -7.27 -2.02 7.91
C PRO A 234 -7.03 -2.79 6.60
N GLN A 235 -6.29 -2.19 5.66
CA GLN A 235 -6.04 -2.84 4.37
C GLN A 235 -5.47 -4.24 4.52
N GLU A 236 -4.57 -4.41 5.48
CA GLU A 236 -3.85 -5.68 5.64
C GLU A 236 -4.77 -6.81 6.14
N TYR A 237 -5.87 -6.45 6.81
CA TYR A 237 -6.95 -7.41 7.15
C TYR A 237 -7.64 -7.95 5.91
N VAL A 238 -7.84 -7.08 4.92
CA VAL A 238 -8.48 -7.45 3.64
C VAL A 238 -7.66 -8.57 3.01
N ALA A 239 -6.36 -8.35 2.82
CA ALA A 239 -5.46 -9.36 2.24
C ALA A 239 -5.44 -10.64 3.08
N HIS A 240 -5.51 -10.49 4.40
CA HIS A 240 -5.56 -11.65 5.30
C HIS A 240 -6.82 -12.51 5.07
N PHE A 241 -8.00 -11.88 4.99
CA PHE A 241 -9.24 -12.66 4.80
C PHE A 241 -9.32 -13.29 3.40
N VAL A 242 -8.88 -12.56 2.39
CA VAL A 242 -8.82 -13.10 1.03
C VAL A 242 -7.88 -14.31 1.00
N ASN A 243 -6.74 -14.23 1.70
CA ASN A 243 -5.82 -15.36 1.85
C ASN A 243 -6.45 -16.57 2.57
N GLU A 244 -7.00 -16.35 3.75
CA GLU A 244 -7.46 -17.44 4.62
C GLU A 244 -8.73 -18.13 4.10
N GLN A 245 -9.71 -17.36 3.66
CA GLN A 245 -11.02 -17.88 3.24
C GLN A 245 -11.61 -18.79 4.32
N ALA A 246 -11.49 -18.37 5.57
CA ALA A 246 -11.96 -19.18 6.70
C ALA A 246 -13.49 -19.13 6.72
N PRO A 247 -14.15 -20.31 6.77
CA PRO A 247 -15.61 -20.31 6.88
C PRO A 247 -16.12 -19.52 8.09
N THR A 248 -17.20 -18.78 7.88
CA THR A 248 -17.85 -18.00 8.92
C THR A 248 -18.79 -18.95 9.67
N ARG A 249 -18.43 -19.30 10.90
CA ARG A 249 -19.11 -20.36 11.66
C ARG A 249 -20.07 -19.83 12.74
N GLY A 250 -20.35 -18.52 12.71
CA GLY A 250 -21.30 -17.90 13.63
C GLY A 250 -21.82 -16.60 13.07
N GLU A 251 -22.70 -15.96 13.83
CA GLU A 251 -23.29 -14.69 13.43
C GLU A 251 -22.35 -13.50 13.58
N ALA A 252 -21.38 -13.60 14.48
CA ALA A 252 -20.40 -12.54 14.73
C ALA A 252 -19.17 -13.11 15.41
N ALA A 253 -18.00 -12.53 15.12
CA ALA A 253 -16.75 -12.92 15.74
C ALA A 253 -16.43 -11.97 16.89
N LEU A 254 -16.39 -12.51 18.11
CA LEU A 254 -15.99 -11.75 19.30
C LEU A 254 -14.47 -11.57 19.25
N LEU A 255 -14.02 -10.31 19.34
CA LEU A 255 -12.59 -9.97 19.38
C LEU A 255 -12.25 -9.27 20.68
N HIS A 256 -11.02 -9.47 21.15
CA HIS A 256 -10.41 -8.64 22.20
C HIS A 256 -9.38 -7.74 21.53
N TYR A 257 -9.38 -6.46 21.90
CA TYR A 257 -8.31 -5.55 21.53
C TYR A 257 -7.30 -5.58 22.68
N VAL A 258 -6.09 -6.05 22.38
CA VAL A 258 -5.11 -6.45 23.39
C VAL A 258 -3.81 -5.66 23.21
N ASP A 259 -3.22 -5.24 24.33
CA ASP A 259 -1.88 -4.66 24.35
C ASP A 259 -0.88 -5.77 24.01
N PRO A 260 0.02 -5.54 23.03
CA PRO A 260 0.90 -6.62 22.55
C PRO A 260 2.06 -6.97 23.49
N ASP A 261 2.42 -6.08 24.40
CA ASP A 261 3.46 -6.37 25.40
C ASP A 261 2.81 -6.99 26.63
N THR A 262 1.89 -6.24 27.24
CA THR A 262 1.30 -6.61 28.53
C THR A 262 0.23 -7.70 28.46
N HIS A 263 -0.22 -8.05 27.25
CA HIS A 263 -1.30 -9.04 27.01
C HIS A 263 -2.68 -8.64 27.56
N ARG A 264 -2.84 -7.40 28.02
CA ARG A 264 -4.04 -6.99 28.74
C ARG A 264 -5.17 -6.74 27.74
N ASN A 265 -6.37 -7.20 28.10
CA ASN A 265 -7.58 -6.97 27.31
C ASN A 265 -8.05 -5.52 27.52
N LEU A 266 -7.95 -4.71 26.47
CA LEU A 266 -8.33 -3.29 26.52
C LEU A 266 -9.79 -3.03 26.15
N GLY A 267 -10.50 -4.06 25.68
CA GLY A 267 -11.92 -3.94 25.32
C GLY A 267 -12.34 -5.03 24.37
N GLU A 268 -13.65 -5.26 24.30
CA GLU A 268 -14.21 -6.27 23.40
C GLU A 268 -15.03 -5.66 22.28
N PHE A 269 -15.01 -6.37 21.15
CA PHE A 269 -15.58 -5.91 19.88
C PHE A 269 -16.22 -7.09 19.18
N LYS A 270 -17.19 -6.82 18.32
CA LYS A 270 -17.78 -7.83 17.46
C LYS A 270 -17.52 -7.50 15.98
N MET A 271 -17.03 -8.50 15.26
CA MET A 271 -16.79 -8.40 13.83
C MET A 271 -17.88 -9.22 13.11
N TYR A 272 -18.62 -8.56 12.23
CA TYR A 272 -19.74 -9.18 11.52
C TYR A 272 -19.29 -9.74 10.17
N PRO A 273 -20.02 -10.76 9.63
CA PRO A 273 -19.62 -11.43 8.39
C PRO A 273 -19.41 -10.51 7.19
N GLU A 274 -20.13 -9.40 7.17
CA GLU A 274 -20.04 -8.38 6.13
C GLU A 274 -18.68 -7.65 6.10
N GLY A 275 -17.86 -7.84 7.14
CA GLY A 275 -16.48 -7.37 7.17
C GLY A 275 -16.28 -6.03 7.83
N PHE A 276 -17.01 -5.81 8.93
CA PHE A 276 -16.84 -4.61 9.74
C PHE A 276 -16.99 -4.96 11.23
N MET A 277 -16.60 -4.00 12.05
CA MET A 277 -16.48 -4.17 13.49
C MET A 277 -17.39 -3.18 14.20
N THR A 278 -17.90 -3.58 15.37
CA THR A 278 -18.64 -2.69 16.28
C THR A 278 -18.14 -2.77 17.71
N CYS A 279 -18.49 -1.75 18.49
CA CYS A 279 -18.27 -1.72 19.94
C CYS A 279 -19.46 -1.05 20.61
N VAL A 280 -19.51 -1.17 21.94
CA VAL A 280 -20.51 -0.45 22.74
C VAL A 280 -19.77 0.64 23.50
N PRO A 281 -20.10 1.92 23.22
CA PRO A 281 -19.46 2.99 23.97
C PRO A 281 -20.01 3.10 25.38
N ASN A 282 -19.21 3.68 26.28
CA ASN A 282 -19.58 3.88 27.67
C ASN A 282 -20.42 5.14 27.77
N SER A 283 -21.69 4.98 28.17
CA SER A 283 -22.63 6.10 28.47
C SER A 283 -22.54 7.43 27.72
N SER A 284 -22.69 7.34 26.40
CA SER A 284 -22.67 8.51 25.50
C SER A 284 -21.22 9.01 25.30
N GLY A 285 -20.25 8.13 25.49
CA GLY A 285 -18.83 8.48 25.37
C GLY A 285 -18.30 8.22 23.98
N SER A 286 -17.01 8.47 23.80
CA SER A 286 -16.32 8.35 22.51
C SER A 286 -15.83 6.93 22.15
N GLY A 287 -16.16 5.93 22.97
CA GLY A 287 -15.85 4.54 22.68
C GLY A 287 -14.35 4.27 22.51
N PRO A 288 -13.93 3.78 21.34
CA PRO A 288 -12.53 3.36 21.17
C PRO A 288 -11.49 4.48 20.97
N GLN A 289 -11.92 5.74 20.88
CA GLN A 289 -10.99 6.85 20.64
C GLN A 289 -9.94 7.07 21.74
N THR A 290 -10.28 6.72 22.99
CA THR A 290 -9.33 6.88 24.11
C THR A 290 -8.40 5.69 24.28
N LEU A 291 -8.63 4.60 23.55
CA LEU A 291 -7.72 3.44 23.59
C LEU A 291 -6.38 3.74 22.94
N PRO A 292 -5.31 3.04 23.38
CA PRO A 292 -4.07 3.13 22.62
C PRO A 292 -4.23 2.54 21.21
N ILE A 293 -3.39 3.00 20.28
CA ILE A 293 -3.46 2.61 18.86
C ILE A 293 -2.42 1.57 18.45
N ASN A 294 -1.66 1.07 19.43
CA ASN A 294 -0.63 0.07 19.19
C ASN A 294 -1.04 -1.32 19.68
N GLY A 295 -2.34 -1.54 19.85
CA GLY A 295 -2.88 -2.83 20.25
C GLY A 295 -3.14 -3.75 19.06
N VAL A 296 -3.45 -5.00 19.36
CA VAL A 296 -3.80 -5.98 18.33
C VAL A 296 -5.17 -6.54 18.63
N PHE A 297 -5.95 -6.76 17.58
CA PHE A 297 -7.20 -7.50 17.71
C PHE A 297 -6.88 -8.98 17.65
N THR A 298 -7.67 -9.75 18.39
CA THR A 298 -7.49 -11.19 18.49
C THR A 298 -8.85 -11.85 18.56
N PHE A 299 -9.02 -12.89 17.77
CA PHE A 299 -10.27 -13.63 17.68
C PHE A 299 -10.45 -14.45 18.95
N VAL A 300 -11.61 -14.32 19.60
CA VAL A 300 -11.93 -15.08 20.81
C VAL A 300 -12.86 -16.23 20.48
N SER A 301 -14.02 -15.92 19.91
CA SER A 301 -15.03 -16.95 19.59
C SER A 301 -16.12 -16.42 18.67
N TRP A 302 -16.83 -17.36 18.05
CA TRP A 302 -18.05 -17.07 17.34
C TRP A 302 -19.17 -16.88 18.37
N VAL A 303 -19.96 -15.82 18.19
CA VAL A 303 -21.09 -15.51 19.09
C VAL A 303 -22.32 -15.11 18.27
N SER A 304 -23.47 -15.07 18.94
CA SER A 304 -24.70 -14.64 18.27
C SER A 304 -24.68 -13.12 18.09
N ARG A 305 -25.47 -12.63 17.15
CA ARG A 305 -25.61 -11.19 16.92
C ARG A 305 -26.16 -10.45 18.15
N PHE A 306 -26.91 -11.16 18.99
CA PHE A 306 -27.47 -10.57 20.23
C PHE A 306 -26.48 -10.48 21.38
N TYR A 307 -25.33 -11.17 21.29
CA TYR A 307 -24.31 -11.12 22.35
C TYR A 307 -24.02 -9.69 22.78
N GLN A 308 -24.08 -9.44 24.08
CA GLN A 308 -23.91 -8.09 24.65
C GLN A 308 -22.45 -7.80 24.98
N LEU A 309 -21.90 -6.78 24.33
CA LEU A 309 -20.53 -6.35 24.59
C LEU A 309 -20.46 -5.53 25.88
N LYS A 310 -19.38 -5.73 26.64
CA LYS A 310 -19.00 -4.84 27.72
C LYS A 310 -18.69 -3.46 27.11
N PRO A 311 -19.11 -2.36 27.76
CA PRO A 311 -18.77 -1.04 27.21
C PRO A 311 -17.26 -0.76 27.14
N VAL A 312 -16.83 -0.01 26.13
CA VAL A 312 -15.43 0.36 25.96
C VAL A 312 -15.30 1.88 26.01
N GLY A 313 -14.20 2.35 26.60
CA GLY A 313 -13.89 3.76 26.68
C GLY A 313 -14.45 4.46 27.90
N THR A 314 -14.24 5.77 27.94
CA THR A 314 -14.65 6.64 29.04
C THR A 314 -16.08 7.13 28.85
N ALA A 315 -16.71 7.57 29.94
CA ALA A 315 -18.10 8.05 29.93
C ALA A 315 -18.22 9.40 29.21
N PRO B 13 2.40 -23.88 11.63
CA PRO B 13 2.88 -24.30 10.30
C PRO B 13 3.17 -23.12 9.37
N PHE B 14 4.31 -23.16 8.70
CA PHE B 14 4.67 -22.13 7.73
C PHE B 14 3.77 -22.18 6.50
N SER B 15 3.40 -20.99 6.02
CA SER B 15 2.64 -20.84 4.78
C SER B 15 3.06 -19.54 4.11
N VAL B 16 2.76 -19.45 2.82
CA VAL B 16 2.89 -18.21 2.08
C VAL B 16 1.46 -17.84 1.68
N PRO B 17 1.19 -16.55 1.42
CA PRO B 17 -0.17 -16.18 1.03
C PRO B 17 -0.67 -16.90 -0.22
N ASN B 18 -1.94 -17.30 -0.18
CA ASN B 18 -2.66 -17.89 -1.30
C ASN B 18 -3.29 -16.74 -2.11
N LEU B 19 -2.45 -15.87 -2.68
CA LEU B 19 -2.89 -14.67 -3.38
C LEU B 19 -2.14 -14.62 -4.70
N PRO B 20 -2.86 -14.41 -5.82
CA PRO B 20 -2.15 -14.35 -7.11
C PRO B 20 -1.14 -13.22 -7.16
N LEU B 21 0.00 -13.52 -7.76
CA LEU B 21 1.20 -12.68 -7.70
C LEU B 21 0.98 -11.28 -8.30
N ASN B 22 0.19 -11.22 -9.37
CA ASN B 22 -0.14 -9.96 -10.04
C ASN B 22 -1.20 -9.11 -9.32
N THR B 23 -1.74 -9.58 -8.20
CA THR B 23 -2.57 -8.76 -7.33
C THR B 23 -1.75 -8.15 -6.18
N LEU B 24 -0.45 -8.46 -6.12
CA LEU B 24 0.40 -8.04 -5.00
C LEU B 24 1.37 -6.95 -5.40
N SER B 25 1.92 -6.28 -4.38
CA SER B 25 2.83 -5.16 -4.58
C SER B 25 4.30 -5.55 -4.50
N ASN B 26 5.11 -4.78 -5.21
CA ASN B 26 6.55 -4.68 -5.00
C ASN B 26 6.77 -4.21 -3.56
N SER B 27 7.89 -4.62 -2.96
CA SER B 27 8.24 -4.17 -1.60
C SER B 27 9.31 -3.05 -1.56
N ARG B 28 9.73 -2.56 -2.73
CA ARG B 28 10.64 -1.41 -2.81
C ARG B 28 10.00 -0.16 -3.44
N VAL B 29 8.89 -0.32 -4.16
CA VAL B 29 8.02 0.80 -4.59
C VAL B 29 6.56 0.35 -4.53
N PRO B 30 5.62 1.29 -4.34
CA PRO B 30 4.21 0.89 -4.29
C PRO B 30 3.61 0.69 -5.69
N SER B 31 3.81 -0.49 -6.25
CA SER B 31 3.40 -0.81 -7.62
C SER B 31 3.17 -2.30 -7.76
N LEU B 32 2.09 -2.67 -8.45
CA LEU B 32 1.73 -4.08 -8.66
C LEU B 32 2.89 -4.83 -9.32
N ILE B 33 3.03 -6.10 -8.97
CA ILE B 33 4.02 -6.98 -9.59
C ILE B 33 3.47 -7.36 -10.97
N ASN B 34 4.29 -7.18 -12.01
CA ASN B 34 3.92 -7.59 -13.38
C ASN B 34 4.92 -8.54 -14.04
N ALA B 35 5.93 -8.99 -13.30
CA ALA B 35 6.93 -9.90 -13.85
C ALA B 35 7.81 -10.55 -12.77
N MET B 36 8.40 -11.69 -13.13
CA MET B 36 9.47 -12.32 -12.35
C MET B 36 10.68 -12.40 -13.27
N MET B 37 11.87 -12.15 -12.72
CA MET B 37 13.12 -12.29 -13.46
C MET B 37 14.23 -12.84 -12.58
N ILE B 38 15.24 -13.41 -13.23
CA ILE B 38 16.54 -13.67 -12.62
C ILE B 38 17.53 -12.76 -13.34
N SER B 39 18.71 -12.56 -12.77
CA SER B 39 19.70 -11.65 -13.33
C SER B 39 21.11 -12.12 -13.06
N ARG B 40 21.89 -12.33 -14.12
CA ARG B 40 23.29 -12.69 -14.00
C ARG B 40 24.15 -11.49 -13.58
N ASP B 41 24.00 -10.37 -14.26
CA ASP B 41 24.81 -9.19 -13.93
C ASP B 41 24.40 -8.43 -12.65
N HIS B 42 23.16 -8.61 -12.17
CA HIS B 42 22.73 -7.99 -10.89
C HIS B 42 22.39 -8.95 -9.74
N GLY B 43 22.18 -10.24 -10.02
CA GLY B 43 21.75 -11.19 -8.99
C GLY B 43 22.85 -11.86 -8.17
N GLN B 44 24.07 -11.36 -8.25
CA GLN B 44 25.22 -11.97 -7.56
C GLN B 44 25.37 -11.48 -6.12
N MET B 45 24.86 -10.28 -5.85
CA MET B 45 24.65 -9.82 -4.50
C MET B 45 23.55 -8.77 -4.50
N VAL B 46 22.65 -8.83 -3.52
CA VAL B 46 21.68 -7.77 -3.28
C VAL B 46 21.59 -7.48 -1.79
N GLN B 47 21.46 -6.20 -1.45
CA GLN B 47 21.34 -5.77 -0.07
C GLN B 47 20.24 -4.73 0.05
N PHE B 48 19.10 -5.03 -0.59
CA PHE B 48 17.92 -4.17 -0.48
C PHE B 48 17.60 -4.02 0.99
N GLN B 49 17.16 -2.82 1.38
CA GLN B 49 16.78 -2.55 2.78
C GLN B 49 15.28 -2.60 3.02
N ASN B 50 14.48 -2.53 1.95
CA ASN B 50 13.03 -2.72 2.02
C ASN B 50 12.64 -4.08 1.44
N GLY B 51 11.49 -4.59 1.87
CA GLY B 51 11.07 -5.94 1.54
C GLY B 51 11.89 -7.03 2.22
N ARG B 52 12.54 -6.68 3.32
CA ARG B 52 13.42 -7.60 4.04
C ARG B 52 12.75 -8.06 5.31
N VAL B 53 12.65 -9.37 5.46
CA VAL B 53 12.01 -9.99 6.60
C VAL B 53 12.41 -11.48 6.59
N THR B 54 12.56 -12.06 7.77
CA THR B 54 12.82 -13.50 7.88
C THR B 54 11.51 -14.27 7.71
N LEU B 55 11.62 -15.54 7.36
CA LEU B 55 10.46 -16.42 7.23
C LEU B 55 9.65 -16.57 8.52
N ASP B 56 10.30 -16.40 9.67
CA ASP B 56 9.60 -16.37 10.96
C ASP B 56 9.18 -14.97 11.45
N GLY B 57 9.20 -13.98 10.55
CA GLY B 57 8.53 -12.69 10.79
C GLY B 57 9.31 -11.58 11.46
N GLN B 58 10.65 -11.63 11.37
CA GLN B 58 11.51 -10.56 11.90
C GLN B 58 11.82 -9.56 10.80
N LEU B 59 11.27 -8.36 10.91
CA LEU B 59 11.54 -7.28 9.94
C LEU B 59 12.99 -6.86 10.01
N GLN B 60 13.58 -6.50 8.86
CA GLN B 60 14.96 -6.02 8.78
C GLN B 60 15.07 -4.73 7.96
N GLY B 61 16.20 -4.05 8.09
CA GLY B 61 16.49 -2.84 7.34
C GLY B 61 15.50 -1.73 7.70
N THR B 62 14.84 -1.20 6.68
CA THR B 62 13.84 -0.15 6.84
C THR B 62 12.43 -0.69 6.51
N THR B 63 12.30 -2.02 6.45
CA THR B 63 11.09 -2.65 5.93
C THR B 63 9.88 -2.42 6.85
N PRO B 64 8.80 -1.82 6.31
CA PRO B 64 7.55 -1.74 7.04
C PRO B 64 6.66 -2.97 6.84
N THR B 65 5.71 -3.13 7.74
CA THR B 65 4.64 -4.12 7.60
C THR B 65 3.69 -3.73 6.45
N SER B 66 3.40 -2.44 6.34
CA SER B 66 2.38 -1.90 5.46
C SER B 66 2.99 -1.09 4.33
N LEU B 67 2.41 -1.21 3.14
CA LEU B 67 2.82 -0.44 1.98
C LEU B 67 2.58 1.08 2.16
N SER B 68 1.68 1.48 3.07
CA SER B 68 1.46 2.91 3.39
C SER B 68 2.70 3.65 3.91
N GLN B 69 3.66 2.93 4.47
CA GLN B 69 4.95 3.50 4.88
C GLN B 69 6.04 3.46 3.80
N LEU B 70 5.85 2.66 2.75
CA LEU B 70 6.92 2.42 1.76
C LEU B 70 7.16 3.64 0.88
N CYS B 71 8.44 3.95 0.66
CA CYS B 71 8.86 5.08 -0.20
C CYS B 71 8.31 6.42 0.26
N LYS B 72 8.29 6.61 1.57
CA LYS B 72 7.87 7.86 2.17
C LYS B 72 8.92 8.34 3.17
N ILE B 73 8.91 9.66 3.37
CA ILE B 73 9.79 10.34 4.32
C ILE B 73 8.91 11.33 5.09
N ARG B 74 9.18 11.46 6.40
CA ARG B 74 8.56 12.51 7.21
C ARG B 74 9.64 13.30 7.95
N GLY B 75 9.40 14.61 8.13
CA GLY B 75 10.32 15.44 8.88
C GLY B 75 9.95 16.91 8.96
N LYS B 76 10.73 17.65 9.76
CA LYS B 76 10.55 19.10 9.96
C LYS B 76 11.53 19.86 9.06
N VAL B 77 11.04 20.90 8.39
CA VAL B 77 11.87 21.67 7.46
C VAL B 77 12.94 22.43 8.24
N PHE B 78 14.18 22.33 7.77
CA PHE B 78 15.24 23.25 8.21
C PHE B 78 15.71 24.11 7.03
N HIS B 79 16.00 25.38 7.33
CA HIS B 79 16.57 26.32 6.37
C HIS B 79 18.06 26.44 6.67
N ALA B 80 18.89 26.25 5.64
CA ALA B 80 20.33 26.42 5.76
C ALA B 80 20.89 27.10 4.51
N SER B 81 22.05 27.73 4.66
CA SER B 81 22.70 28.45 3.56
C SER B 81 23.11 27.50 2.44
N GLY B 82 23.78 26.40 2.80
CA GLY B 82 24.15 25.34 1.86
C GLY B 82 22.97 24.68 1.14
N GLY B 83 21.79 24.72 1.78
CA GLY B 83 20.55 24.24 1.16
C GLY B 83 19.56 23.82 2.23
N ASN B 84 18.27 24.03 1.94
CA ASN B 84 17.21 23.62 2.87
C ASN B 84 17.10 22.10 2.91
N GLY B 85 16.38 21.57 3.89
CA GLY B 85 16.20 20.13 4.01
C GLY B 85 15.17 19.74 5.05
N LEU B 86 15.20 18.46 5.45
CA LEU B 86 14.27 17.90 6.42
C LEU B 86 15.03 17.23 7.55
N ASN B 87 14.62 17.52 8.79
CA ASN B 87 15.06 16.76 9.97
C ASN B 87 14.06 15.62 10.17
N LEU B 88 14.53 14.39 9.98
CA LEU B 88 13.65 13.22 9.83
C LEU B 88 13.03 12.72 11.13
N THR B 89 11.77 12.29 11.02
CA THR B 89 11.10 11.50 12.05
C THR B 89 10.59 10.21 11.40
N GLU B 90 9.96 9.34 12.19
CA GLU B 90 9.19 8.23 11.66
C GLU B 90 7.92 8.79 11.01
N LEU B 91 7.25 7.98 10.19
CA LEU B 91 6.07 8.44 9.46
C LEU B 91 4.87 8.76 10.37
N ASP B 92 4.80 8.12 11.54
CA ASP B 92 3.76 8.47 12.52
C ASP B 92 4.08 9.69 13.39
N GLY B 93 5.20 10.37 13.11
CA GLY B 93 5.60 11.56 13.84
C GLY B 93 6.58 11.29 14.98
N SER B 94 6.70 10.04 15.43
CA SER B 94 7.59 9.69 16.55
C SER B 94 9.06 9.75 16.15
N ALA B 95 9.93 9.90 17.15
CA ALA B 95 11.36 10.12 16.92
C ALA B 95 12.04 8.93 16.26
N TYR B 96 12.93 9.20 15.31
CA TYR B 96 13.73 8.17 14.64
C TYR B 96 14.97 7.87 15.47
N HIS B 97 15.19 6.59 15.79
CA HIS B 97 16.38 6.14 16.53
C HIS B 97 17.38 5.47 15.59
N ALA B 98 18.58 6.05 15.50
CA ALA B 98 19.65 5.51 14.67
C ALA B 98 20.11 4.11 15.07
N PHE B 99 19.95 3.74 16.34
CA PHE B 99 20.29 2.38 16.80
C PHE B 99 19.29 1.28 16.38
N GLU B 100 18.12 1.66 15.85
CA GLU B 100 17.08 0.71 15.43
C GLU B 100 17.14 0.34 13.95
N SER B 101 17.49 1.29 13.08
CA SER B 101 17.50 1.07 11.62
C SER B 101 18.44 2.06 10.89
N PRO B 102 18.81 1.77 9.62
CA PRO B 102 19.72 2.67 8.87
C PRO B 102 19.08 3.99 8.43
N ALA B 103 17.75 4.03 8.43
CA ALA B 103 16.99 5.25 8.22
C ALA B 103 15.62 5.03 8.87
N PRO B 104 14.74 6.04 8.87
CA PRO B 104 13.39 5.76 9.36
C PRO B 104 12.67 4.66 8.55
N ILE B 105 11.67 4.02 9.15
CA ILE B 105 10.99 2.89 8.52
C ILE B 105 10.29 3.37 7.25
N GLY B 106 10.48 2.63 6.16
CA GLY B 106 9.87 2.94 4.87
C GLY B 106 10.66 3.89 3.97
N PHE B 107 11.81 4.36 4.46
CA PHE B 107 12.70 5.27 3.69
C PHE B 107 13.05 4.59 2.35
N PRO B 108 13.02 5.33 1.22
CA PRO B 108 13.38 4.67 -0.04
C PRO B 108 14.80 4.09 -0.02
N ASP B 109 14.99 2.96 -0.69
CA ASP B 109 16.26 2.24 -0.68
C ASP B 109 16.84 2.09 -2.08
N ILE B 110 16.51 3.04 -2.97
CA ILE B 110 17.01 3.06 -4.34
C ILE B 110 18.16 4.06 -4.41
N GLY B 111 19.38 3.53 -4.52
CA GLY B 111 20.60 4.32 -4.40
C GLY B 111 21.05 5.02 -5.67
N ASP B 112 22.00 5.94 -5.50
CA ASP B 112 22.77 6.51 -6.60
C ASP B 112 21.89 7.08 -7.70
N CYS B 113 20.93 7.89 -7.30
CA CYS B 113 20.02 8.55 -8.23
C CYS B 113 19.34 9.73 -7.55
N ASP B 114 18.64 10.53 -8.35
CA ASP B 114 17.82 11.63 -7.86
C ASP B 114 16.45 11.09 -7.48
N TRP B 115 15.93 11.53 -6.33
CA TRP B 115 14.54 11.28 -5.94
C TRP B 115 13.73 12.56 -6.08
N HIS B 116 12.76 12.53 -7.00
CA HIS B 116 11.77 13.59 -7.13
C HIS B 116 10.56 13.17 -6.32
N MET B 117 10.14 14.04 -5.40
CA MET B 117 9.17 13.68 -4.38
C MET B 117 8.13 14.77 -4.23
N SER B 118 6.96 14.37 -3.72
CA SER B 118 5.86 15.25 -3.45
C SER B 118 5.62 15.29 -1.95
N ALA B 119 5.64 16.51 -1.36
CA ALA B 119 5.46 16.71 0.08
C ALA B 119 4.20 17.51 0.36
N THR B 120 3.46 17.10 1.39
CA THR B 120 2.30 17.86 1.88
C THR B 120 2.44 18.20 3.35
N ALA B 121 1.89 19.35 3.72
CA ALA B 121 1.87 19.79 5.12
C ALA B 121 0.93 18.90 5.95
N THR B 122 1.44 18.40 7.07
CA THR B 122 0.64 17.55 7.97
C THR B 122 -0.24 18.36 8.92
N ASN B 123 0.00 19.67 9.01
CA ASN B 123 -0.77 20.58 9.87
C ASN B 123 -1.44 21.67 9.04
N ASN B 124 -2.74 21.85 9.23
CA ASN B 124 -3.50 22.93 8.57
C ASN B 124 -3.27 22.95 7.06
N PHE B 125 -3.48 21.81 6.42
CA PHE B 125 -3.32 21.70 4.97
C PHE B 125 -4.38 22.55 4.27
N THR B 126 -3.92 23.55 3.52
CA THR B 126 -4.79 24.55 2.89
C THR B 126 -5.05 24.25 1.41
N GLY B 127 -4.13 23.53 0.76
CA GLY B 127 -4.28 23.17 -0.65
C GLY B 127 -2.95 23.21 -1.38
N SER B 128 -2.95 23.74 -2.61
CA SER B 128 -1.77 23.73 -3.48
C SER B 128 -0.56 24.45 -2.92
N SER B 129 -0.77 25.47 -2.09
CA SER B 129 0.32 26.18 -1.41
C SER B 129 1.04 25.34 -0.35
N ASN B 130 0.39 24.29 0.15
CA ASN B 130 0.98 23.32 1.09
C ASN B 130 1.36 21.97 0.46
N GLU B 131 1.46 21.95 -0.86
CA GLU B 131 2.03 20.83 -1.61
C GLU B 131 3.31 21.33 -2.30
N TYR B 132 4.39 20.57 -2.21
CA TYR B 132 5.71 20.98 -2.71
C TYR B 132 6.39 19.86 -3.51
N GLN B 133 6.84 20.17 -4.74
CA GLN B 133 7.62 19.22 -5.55
C GLN B 133 9.08 19.45 -5.19
N ILE B 134 9.71 18.45 -4.57
CA ILE B 134 11.09 18.59 -4.11
C ILE B 134 11.99 17.57 -4.77
N LEU B 135 13.28 17.90 -4.81
CA LEU B 135 14.32 17.03 -5.33
C LEU B 135 15.25 16.72 -4.17
N ILE B 136 15.41 15.44 -3.85
CA ILE B 136 16.39 14.98 -2.89
C ILE B 136 17.50 14.29 -3.67
N LYS B 137 18.70 14.87 -3.59
CA LYS B 137 19.88 14.33 -4.23
C LYS B 137 20.66 13.50 -3.22
N GLN B 138 21.43 12.55 -3.74
CA GLN B 138 22.27 11.69 -2.92
C GLN B 138 23.73 12.14 -3.05
N GLU B 139 24.01 13.29 -2.43
CA GLU B 139 25.35 13.89 -2.36
C GLU B 139 25.73 13.99 -0.87
N SER B 140 26.67 14.86 -0.50
CA SER B 140 27.21 14.89 0.88
C SER B 140 26.17 15.23 1.97
N ALA B 141 25.17 16.03 1.62
CA ALA B 141 24.12 16.42 2.57
C ALA B 141 22.99 15.38 2.72
N PHE B 142 23.10 14.24 2.02
CA PHE B 142 22.20 13.08 2.20
C PHE B 142 22.73 12.23 3.34
N ALA B 143 22.12 12.36 4.52
CA ALA B 143 22.60 11.68 5.73
C ALA B 143 21.43 11.08 6.53
N PRO B 144 20.73 10.10 5.94
CA PRO B 144 19.52 9.55 6.58
C PRO B 144 19.77 8.88 7.93
N HIS B 145 20.91 8.20 8.08
CA HIS B 145 21.27 7.56 9.34
C HIS B 145 21.38 8.54 10.52
N LEU B 146 21.90 9.74 10.25
CA LEU B 146 21.88 10.83 11.24
C LEU B 146 20.49 11.38 11.50
N GLY B 147 19.70 11.49 10.43
CA GLY B 147 18.33 12.00 10.49
C GLY B 147 18.09 13.31 9.75
N HIS B 148 18.83 13.55 8.66
CA HIS B 148 18.57 14.73 7.83
C HIS B 148 19.01 14.54 6.37
N VAL B 149 18.25 15.17 5.47
CA VAL B 149 18.54 15.17 4.04
C VAL B 149 18.26 16.55 3.46
N GLN B 150 19.10 16.97 2.53
CA GLN B 150 18.94 18.24 1.82
C GLN B 150 17.88 18.05 0.75
N ALA B 151 17.03 19.06 0.56
CA ALA B 151 15.97 19.04 -0.45
C ALA B 151 15.99 20.34 -1.26
N ASP B 152 16.05 20.21 -2.59
CA ASP B 152 15.92 21.36 -3.49
C ASP B 152 14.46 21.68 -3.75
N ASN B 153 14.23 22.95 -4.13
CA ASN B 153 12.90 23.48 -4.45
C ASN B 153 11.91 23.35 -3.28
N LEU B 154 12.42 23.46 -2.06
CA LEU B 154 11.63 23.30 -0.84
C LEU B 154 11.43 24.68 -0.20
N SER B 155 10.29 25.31 -0.52
CA SER B 155 10.01 26.68 -0.11
C SER B 155 9.21 26.82 1.20
N ALA B 156 8.85 25.70 1.82
CA ALA B 156 8.05 25.73 3.06
C ALA B 156 8.82 26.37 4.21
N GLY B 157 8.10 27.00 5.12
CA GLY B 157 8.71 27.68 6.27
C GLY B 157 9.45 26.74 7.20
N ALA B 158 10.39 27.30 7.95
CA ALA B 158 11.20 26.54 8.90
C ALA B 158 10.32 25.83 9.93
N ASN B 159 10.75 24.63 10.33
CA ASN B 159 10.01 23.73 11.22
C ASN B 159 8.65 23.20 10.72
N THR B 160 8.34 23.40 9.43
CA THR B 160 7.11 22.85 8.84
C THR B 160 7.20 21.32 8.80
N ASP B 161 6.22 20.65 9.39
CA ASP B 161 6.15 19.18 9.38
C ASP B 161 5.55 18.72 8.04
N LEU B 162 6.30 17.90 7.30
CA LEU B 162 5.89 17.43 5.96
C LEU B 162 5.90 15.90 5.86
N ILE B 163 4.91 15.36 5.14
CA ILE B 163 4.88 13.94 4.75
C ILE B 163 5.18 13.90 3.25
N VAL B 164 6.18 13.09 2.89
CA VAL B 164 6.79 13.14 1.56
C VAL B 164 6.73 11.75 0.90
N SER B 165 6.25 11.68 -0.34
CA SER B 165 6.19 10.41 -1.07
C SER B 165 6.97 10.50 -2.37
N LEU B 166 7.51 9.36 -2.81
CA LEU B 166 8.37 9.28 -3.99
C LEU B 166 7.52 9.31 -5.27
N SER B 167 7.79 10.28 -6.14
CA SER B 167 7.05 10.46 -7.39
C SER B 167 7.73 9.78 -8.58
N TRP B 168 9.03 10.04 -8.72
CA TRP B 168 9.85 9.43 -9.76
C TRP B 168 11.33 9.57 -9.45
N ILE B 169 12.15 8.78 -10.15
CA ILE B 169 13.59 8.84 -10.00
C ILE B 169 14.29 9.06 -11.35
N SER B 170 15.50 9.59 -11.28
CA SER B 170 16.25 9.97 -12.49
C SER B 170 17.75 10.00 -12.22
N PRO B 171 18.58 10.06 -13.28
CA PRO B 171 20.02 10.10 -13.07
C PRO B 171 20.46 11.23 -12.14
N VAL B 172 21.45 10.94 -11.30
CA VAL B 172 22.05 11.91 -10.38
C VAL B 172 22.29 13.30 -10.99
N SER B 173 21.98 14.34 -10.22
CA SER B 173 22.07 15.73 -10.71
C SER B 173 23.49 16.17 -11.10
N ASP B 174 24.48 15.73 -10.33
CA ASP B 174 25.89 16.07 -10.60
C ASP B 174 26.50 15.36 -11.83
N GLN B 175 25.78 14.38 -12.38
CA GLN B 175 26.10 13.71 -13.64
C GLN B 175 27.32 12.77 -13.58
N HIS B 176 27.70 12.29 -12.40
CA HIS B 176 28.77 11.30 -12.28
C HIS B 176 28.38 9.94 -12.92
N ARG B 177 27.07 9.74 -13.13
CA ARG B 177 26.55 8.75 -14.06
C ARG B 177 25.33 9.32 -14.80
N HIS B 178 24.96 8.66 -15.89
CA HIS B 178 23.87 9.12 -16.75
C HIS B 178 22.68 8.17 -16.82
N ASP B 179 22.68 7.14 -15.98
CA ASP B 179 21.57 6.19 -15.89
C ASP B 179 21.24 5.80 -14.43
N VAL B 180 20.11 5.11 -14.26
CA VAL B 180 19.59 4.73 -12.94
C VAL B 180 19.66 3.20 -12.76
N ASP B 181 20.37 2.77 -11.73
CA ASP B 181 20.55 1.36 -11.38
C ASP B 181 19.77 1.07 -10.09
N PRO B 182 18.52 0.56 -10.20
CA PRO B 182 17.72 0.33 -9.00
C PRO B 182 18.15 -0.87 -8.13
N TRP B 183 19.17 -1.60 -8.56
CA TRP B 183 19.72 -2.73 -7.82
C TRP B 183 20.63 -2.28 -6.67
N VAL B 184 21.09 -1.01 -6.68
CA VAL B 184 21.95 -0.48 -5.62
C VAL B 184 21.13 0.25 -4.54
N ILE B 185 21.66 0.23 -3.32
CA ILE B 185 21.05 0.92 -2.18
C ILE B 185 21.79 2.23 -1.91
N PRO B 186 21.17 3.16 -1.15
CA PRO B 186 21.87 4.40 -0.79
C PRO B 186 23.01 4.19 0.22
N ARG B 187 23.90 5.17 0.31
CA ARG B 187 24.86 5.26 1.40
C ARG B 187 24.13 5.97 2.53
N TYR B 188 23.77 5.22 3.56
CA TYR B 188 22.95 5.74 4.66
C TYR B 188 23.76 6.58 5.65
N GLY B 189 24.94 6.10 6.04
CA GLY B 189 25.85 6.79 6.96
C GLY B 189 27.27 6.80 6.47
N ALA B 196 26.39 1.05 9.53
CA ALA B 196 24.99 1.02 9.98
C ALA B 196 24.51 -0.42 10.26
N GLN B 197 23.25 -0.55 10.67
CA GLN B 197 22.63 -1.86 10.91
C GLN B 197 21.73 -2.22 9.71
N LEU B 198 22.40 -2.45 8.59
CA LEU B 198 21.72 -2.81 7.35
C LEU B 198 21.23 -4.25 7.45
N ALA B 199 20.12 -4.54 6.77
CA ALA B 199 19.74 -5.92 6.48
C ALA B 199 20.88 -6.54 5.67
N PRO B 200 21.28 -7.78 6.00
CA PRO B 200 22.54 -8.29 5.45
C PRO B 200 22.50 -8.55 3.96
N PRO B 201 23.68 -8.65 3.32
CA PRO B 201 23.69 -8.99 1.90
C PRO B 201 23.14 -10.40 1.64
N ILE B 202 22.49 -10.58 0.49
CA ILE B 202 21.99 -11.87 0.04
C ILE B 202 22.79 -12.31 -1.19
N TYR B 203 23.29 -13.53 -1.17
CA TYR B 203 24.04 -14.11 -2.29
C TYR B 203 23.31 -15.33 -2.83
N PRO B 204 23.51 -15.66 -4.12
CA PRO B 204 22.95 -16.92 -4.63
C PRO B 204 23.64 -18.11 -3.93
N PRO B 205 22.86 -19.09 -3.45
CA PRO B 205 23.40 -20.10 -2.52
C PRO B 205 24.23 -21.26 -3.10
N GLY B 206 24.33 -21.38 -4.42
CA GLY B 206 25.15 -22.44 -5.04
C GLY B 206 24.37 -23.38 -5.93
N PHE B 207 25.10 -24.22 -6.65
CA PHE B 207 24.54 -25.22 -7.58
C PHE B 207 23.61 -24.63 -8.64
N GLY B 208 23.98 -23.46 -9.14
CA GLY B 208 23.23 -22.80 -10.21
C GLY B 208 21.85 -22.30 -9.84
N GLU B 209 21.63 -22.01 -8.55
CA GLU B 209 20.39 -21.36 -8.10
C GLU B 209 20.55 -19.85 -8.35
N ALA B 210 19.47 -19.23 -8.84
CA ALA B 210 19.45 -17.80 -9.11
C ALA B 210 18.35 -17.16 -8.27
N ILE B 211 18.65 -15.98 -7.71
CA ILE B 211 17.70 -15.25 -6.88
C ILE B 211 16.55 -14.77 -7.76
N VAL B 212 15.32 -15.02 -7.33
CA VAL B 212 14.13 -14.59 -8.04
C VAL B 212 13.83 -13.15 -7.63
N PHE B 213 13.67 -12.27 -8.62
CA PHE B 213 13.29 -10.88 -8.41
C PHE B 213 11.90 -10.63 -8.96
N PHE B 214 11.05 -10.01 -8.13
CA PHE B 214 9.70 -9.63 -8.52
C PHE B 214 9.80 -8.22 -9.02
N MET B 215 9.29 -7.99 -10.22
CA MET B 215 9.47 -6.74 -10.94
C MET B 215 8.16 -5.97 -10.96
N SER B 216 8.28 -4.65 -10.83
CA SER B 216 7.15 -3.74 -10.99
C SER B 216 7.58 -2.54 -11.81
N ASP B 217 6.65 -2.00 -12.58
CA ASP B 217 6.91 -0.78 -13.33
C ASP B 217 6.85 0.45 -12.42
N PHE B 218 7.74 1.40 -12.68
CA PHE B 218 7.83 2.63 -11.92
C PHE B 218 8.42 3.73 -12.82
N PRO B 219 8.01 5.00 -12.61
CA PRO B 219 8.63 6.05 -13.43
C PRO B 219 10.11 6.26 -13.08
N VAL B 220 10.98 5.67 -13.91
CA VAL B 220 12.43 5.77 -13.79
C VAL B 220 12.95 6.38 -15.09
N VAL B 221 13.73 7.45 -14.99
CA VAL B 221 14.37 8.04 -16.16
C VAL B 221 15.69 7.31 -16.40
N SER B 222 15.87 6.82 -17.62
CA SER B 222 17.13 6.18 -18.04
C SER B 222 17.56 5.05 -17.09
N GLY B 223 16.64 4.14 -16.78
CA GLY B 223 16.93 3.02 -15.90
C GLY B 223 17.75 1.96 -16.63
N VAL B 224 18.62 1.25 -15.90
CA VAL B 224 19.38 0.14 -16.50
C VAL B 224 18.48 -0.99 -17.04
N ASN B 225 17.32 -1.20 -16.43
CA ASN B 225 16.30 -2.13 -16.97
C ASN B 225 15.01 -1.37 -17.30
N GLY B 226 15.16 -0.17 -17.85
CA GLY B 226 14.02 0.67 -18.18
C GLY B 226 13.25 1.11 -16.94
N MET B 227 11.93 1.11 -17.06
CA MET B 227 11.05 1.58 -15.99
C MET B 227 10.67 0.47 -15.00
N ARG B 228 11.65 -0.33 -14.59
CA ARG B 228 11.41 -1.54 -13.80
C ARG B 228 12.20 -1.49 -12.49
N ILE B 229 11.55 -1.90 -11.40
CA ILE B 229 12.17 -1.96 -10.07
C ILE B 229 12.09 -3.41 -9.58
N PRO B 230 13.24 -4.00 -9.17
CA PRO B 230 13.25 -5.33 -8.59
C PRO B 230 13.11 -5.32 -7.07
N CYS B 231 12.55 -6.40 -6.52
CA CYS B 231 12.56 -6.66 -5.09
C CYS B 231 12.60 -8.18 -4.89
N THR B 232 12.87 -8.62 -3.66
CA THR B 232 13.04 -10.05 -3.35
C THR B 232 11.78 -10.73 -2.77
N LEU B 233 10.78 -9.93 -2.43
CA LEU B 233 9.57 -10.43 -1.79
C LEU B 233 8.39 -9.49 -2.07
N PRO B 234 7.20 -10.05 -2.40
CA PRO B 234 6.01 -9.17 -2.47
C PRO B 234 5.68 -8.59 -1.09
N GLN B 235 5.23 -7.34 -1.03
CA GLN B 235 5.01 -6.67 0.25
C GLN B 235 4.07 -7.44 1.16
N GLU B 236 3.03 -8.03 0.56
CA GLU B 236 1.99 -8.69 1.32
C GLU B 236 2.50 -10.00 1.96
N TYR B 237 3.55 -10.59 1.38
CA TYR B 237 4.28 -11.70 2.02
C TYR B 237 4.94 -11.23 3.31
N VAL B 238 5.51 -10.01 3.30
CA VAL B 238 6.14 -9.43 4.50
C VAL B 238 5.13 -9.38 5.66
N ALA B 239 3.96 -8.79 5.41
CA ALA B 239 2.92 -8.70 6.45
C ALA B 239 2.43 -10.07 6.93
N HIS B 240 2.36 -11.02 6.01
CA HIS B 240 1.96 -12.39 6.31
C HIS B 240 2.93 -13.11 7.25
N PHE B 241 4.24 -12.95 7.01
CA PHE B 241 5.24 -13.57 7.88
C PHE B 241 5.30 -12.88 9.24
N VAL B 242 5.22 -11.55 9.26
CA VAL B 242 5.20 -10.81 10.52
C VAL B 242 3.98 -11.22 11.35
N ASN B 243 2.85 -11.46 10.68
CA ASN B 243 1.63 -11.98 11.32
C ASN B 243 1.81 -13.40 11.86
N GLU B 244 2.16 -14.34 10.99
CA GLU B 244 2.20 -15.77 11.36
C GLU B 244 3.32 -16.12 12.34
N GLN B 245 4.51 -15.59 12.09
CA GLN B 245 5.71 -15.96 12.86
C GLN B 245 5.85 -17.49 13.01
N ALA B 246 5.68 -18.19 11.88
CA ALA B 246 5.83 -19.62 11.84
C ALA B 246 7.30 -19.95 12.07
N PRO B 247 7.60 -20.87 13.02
CA PRO B 247 9.00 -21.22 13.19
C PRO B 247 9.60 -21.86 11.93
N THR B 248 10.83 -21.47 11.61
CA THR B 248 11.58 -22.06 10.52
C THR B 248 12.09 -23.44 10.99
N ARG B 249 11.64 -24.49 10.29
CA ARG B 249 11.91 -25.88 10.68
C ARG B 249 12.76 -26.63 9.65
N GLY B 250 13.50 -25.89 8.84
CA GLY B 250 14.41 -26.47 7.87
C GLY B 250 15.28 -25.41 7.21
N GLU B 251 16.16 -25.87 6.31
CA GLU B 251 17.10 -24.98 5.64
C GLU B 251 16.48 -24.21 4.49
N ALA B 252 15.42 -24.75 3.90
CA ALA B 252 14.66 -24.04 2.86
C ALA B 252 13.23 -24.55 2.80
N ALA B 253 12.31 -23.66 2.45
CA ALA B 253 10.92 -24.02 2.21
C ALA B 253 10.76 -24.27 0.72
N LEU B 254 10.42 -25.51 0.36
CA LEU B 254 10.12 -25.87 -1.02
C LEU B 254 8.73 -25.35 -1.34
N LEU B 255 8.64 -24.58 -2.43
CA LEU B 255 7.36 -24.03 -2.91
C LEU B 255 7.07 -24.55 -4.31
N HIS B 256 5.77 -24.67 -4.61
CA HIS B 256 5.29 -24.80 -5.97
C HIS B 256 4.64 -23.47 -6.36
N TYR B 257 4.92 -23.02 -7.58
CA TYR B 257 4.16 -21.95 -8.20
C TYR B 257 3.02 -22.60 -8.99
N VAL B 258 1.79 -22.25 -8.67
CA VAL B 258 0.62 -23.01 -9.07
C VAL B 258 -0.39 -22.12 -9.83
N ASP B 259 -0.97 -22.67 -10.90
CA ASP B 259 -2.12 -22.05 -11.58
C ASP B 259 -3.31 -22.19 -10.63
N PRO B 260 -3.89 -21.06 -10.16
CA PRO B 260 -4.98 -21.17 -9.16
C PRO B 260 -6.28 -21.77 -9.68
N ASP B 261 -6.54 -21.69 -10.99
CA ASP B 261 -7.78 -22.21 -11.57
C ASP B 261 -7.70 -23.72 -11.78
N THR B 262 -6.63 -24.18 -12.44
CA THR B 262 -6.42 -25.60 -12.75
C THR B 262 -5.65 -26.40 -11.69
N HIS B 263 -4.98 -25.71 -10.76
CA HIS B 263 -4.12 -26.33 -9.72
C HIS B 263 -2.83 -26.96 -10.28
N ARG B 264 -2.46 -26.55 -11.48
CA ARG B 264 -1.30 -27.06 -12.21
C ARG B 264 0.00 -26.53 -11.60
N ASN B 265 0.90 -27.45 -11.24
CA ASN B 265 2.23 -27.11 -10.74
C ASN B 265 3.11 -26.57 -11.88
N LEU B 266 3.32 -25.25 -11.89
CA LEU B 266 4.09 -24.59 -12.95
C LEU B 266 5.60 -24.61 -12.75
N GLY B 267 6.07 -24.87 -11.53
CA GLY B 267 7.50 -24.89 -11.25
C GLY B 267 7.85 -24.90 -9.77
N GLU B 268 9.08 -25.33 -9.47
CA GLU B 268 9.60 -25.46 -8.10
C GLU B 268 10.53 -24.31 -7.73
N PHE B 269 10.39 -23.84 -6.49
CA PHE B 269 11.19 -22.74 -5.95
C PHE B 269 11.59 -23.05 -4.50
N LYS B 270 12.78 -22.59 -4.11
CA LYS B 270 13.22 -22.65 -2.71
C LYS B 270 13.12 -21.26 -2.13
N MET B 271 12.58 -21.18 -0.91
CA MET B 271 12.51 -19.93 -0.16
C MET B 271 13.35 -20.10 1.09
N TYR B 272 14.35 -19.25 1.26
CA TYR B 272 15.33 -19.38 2.34
C TYR B 272 14.88 -18.63 3.60
N PRO B 273 15.37 -19.04 4.79
CA PRO B 273 14.99 -18.39 6.07
C PRO B 273 15.18 -16.86 6.09
N GLU B 274 16.16 -16.38 5.31
CA GLU B 274 16.48 -14.96 5.23
C GLU B 274 15.47 -14.12 4.43
N GLY B 275 14.48 -14.77 3.81
CA GLY B 275 13.34 -14.09 3.17
C GLY B 275 13.47 -13.83 1.68
N PHE B 276 14.19 -14.68 0.97
CA PHE B 276 14.31 -14.57 -0.47
C PHE B 276 14.07 -15.93 -1.11
N MET B 277 13.83 -15.89 -2.42
CA MET B 277 13.47 -17.05 -3.20
C MET B 277 14.52 -17.32 -4.27
N THR B 278 14.72 -18.60 -4.59
CA THR B 278 15.57 -19.00 -5.72
C THR B 278 14.91 -20.05 -6.60
N CYS B 279 15.43 -20.14 -7.81
CA CYS B 279 15.06 -21.19 -8.74
C CYS B 279 16.32 -21.61 -9.50
N VAL B 280 16.21 -22.70 -10.26
CA VAL B 280 17.23 -23.12 -11.22
C VAL B 280 16.64 -22.89 -12.61
N PRO B 281 17.31 -22.07 -13.46
CA PRO B 281 16.82 -21.89 -14.82
C PRO B 281 17.16 -23.10 -15.69
N ASN B 282 16.39 -23.29 -16.76
CA ASN B 282 16.55 -24.40 -17.68
C ASN B 282 17.63 -24.06 -18.72
N SER B 283 18.77 -24.75 -18.65
CA SER B 283 19.87 -24.62 -19.63
C SER B 283 20.14 -23.17 -20.05
N SER B 284 20.54 -22.36 -19.08
CA SER B 284 20.89 -20.94 -19.29
C SER B 284 19.75 -20.05 -19.81
N GLY B 285 18.50 -20.47 -19.60
CA GLY B 285 17.33 -19.72 -20.04
C GLY B 285 16.93 -18.63 -19.06
N SER B 286 15.74 -18.06 -19.30
CA SER B 286 15.24 -16.92 -18.53
C SER B 286 14.56 -17.29 -17.20
N GLY B 287 14.44 -18.58 -16.90
CA GLY B 287 13.88 -19.04 -15.63
C GLY B 287 12.40 -18.70 -15.48
N PRO B 288 12.03 -17.95 -14.42
CA PRO B 288 10.62 -17.67 -14.16
C PRO B 288 9.96 -16.64 -15.09
N GLN B 289 10.72 -15.99 -15.97
CA GLN B 289 10.23 -14.87 -16.76
C GLN B 289 9.09 -15.22 -17.71
N THR B 290 9.15 -16.40 -18.31
CA THR B 290 8.11 -16.88 -19.21
C THR B 290 6.89 -17.48 -18.51
N LEU B 291 6.94 -17.64 -17.19
CA LEU B 291 5.80 -18.16 -16.42
C LEU B 291 4.69 -17.11 -16.36
N PRO B 292 3.42 -17.55 -16.31
CA PRO B 292 2.36 -16.57 -16.15
C PRO B 292 2.45 -15.87 -14.79
N ILE B 293 1.97 -14.63 -14.72
CA ILE B 293 2.13 -13.77 -13.55
C ILE B 293 0.90 -13.80 -12.62
N ASN B 294 -0.13 -14.57 -12.96
CA ASN B 294 -1.32 -14.72 -12.12
C ASN B 294 -1.33 -16.00 -11.28
N GLY B 295 -0.15 -16.59 -11.08
CA GLY B 295 -0.03 -17.82 -10.31
C GLY B 295 0.10 -17.54 -8.83
N VAL B 296 0.01 -18.60 -8.04
CA VAL B 296 0.12 -18.53 -6.59
C VAL B 296 1.26 -19.44 -6.14
N PHE B 297 2.09 -18.95 -5.22
CA PHE B 297 3.08 -19.81 -4.57
C PHE B 297 2.40 -20.56 -3.43
N THR B 298 2.78 -21.81 -3.23
CA THR B 298 2.25 -22.64 -2.15
C THR B 298 3.39 -23.42 -1.48
N PHE B 299 3.36 -23.45 -0.15
CA PHE B 299 4.31 -24.21 0.63
C PHE B 299 4.12 -25.72 0.44
N VAL B 300 5.20 -26.43 0.12
CA VAL B 300 5.17 -27.89 -0.05
C VAL B 300 5.74 -28.55 1.19
N SER B 301 7.00 -28.22 1.53
CA SER B 301 7.69 -28.82 2.66
C SER B 301 9.03 -28.13 2.96
N TRP B 302 9.54 -28.43 4.15
CA TRP B 302 10.89 -28.04 4.53
C TRP B 302 11.88 -29.04 3.95
N VAL B 303 12.92 -28.53 3.29
CA VAL B 303 13.96 -29.35 2.68
C VAL B 303 15.34 -28.87 3.11
N SER B 304 16.32 -29.73 2.92
CA SER B 304 17.69 -29.41 3.26
C SER B 304 18.36 -28.60 2.15
N ARG B 305 19.54 -28.09 2.47
CA ARG B 305 20.41 -27.43 1.51
C ARG B 305 20.75 -28.33 0.31
N PHE B 306 20.89 -29.64 0.58
CA PHE B 306 21.16 -30.65 -0.45
C PHE B 306 20.08 -30.75 -1.55
N TYR B 307 18.86 -30.27 -1.29
CA TYR B 307 17.74 -30.45 -2.24
C TYR B 307 17.99 -29.71 -3.55
N GLN B 308 17.83 -30.43 -4.67
CA GLN B 308 18.07 -29.88 -6.00
C GLN B 308 16.76 -29.64 -6.74
N LEU B 309 16.52 -28.37 -7.07
CA LEU B 309 15.30 -27.94 -7.75
C LEU B 309 15.25 -28.43 -9.19
N LYS B 310 14.06 -28.81 -9.63
CA LYS B 310 13.79 -29.07 -11.04
C LYS B 310 13.91 -27.74 -11.79
N PRO B 311 14.71 -27.70 -12.89
CA PRO B 311 14.80 -26.46 -13.65
C PRO B 311 13.44 -25.89 -14.08
N VAL B 312 13.32 -24.56 -14.03
CA VAL B 312 12.06 -23.89 -14.36
C VAL B 312 12.21 -23.08 -15.65
N GLY B 313 11.13 -23.02 -16.43
CA GLY B 313 11.06 -22.18 -17.62
C GLY B 313 11.57 -22.87 -18.87
N THR B 314 11.83 -22.05 -19.89
CA THR B 314 12.25 -22.51 -21.21
C THR B 314 13.77 -22.50 -21.37
N ALA B 315 14.26 -23.16 -22.43
CA ALA B 315 15.69 -23.31 -22.68
C ALA B 315 16.36 -21.98 -23.04
#